data_5J7B
#
_entry.id   5J7B
#
_cell.length_a   132.381
_cell.length_b   132.381
_cell.length_c   107.280
_cell.angle_alpha   90.00
_cell.angle_beta   90.00
_cell.angle_gamma   120.00
#
_symmetry.space_group_name_H-M   'P 32 2 1'
#
loop_
_entity.id
_entity.type
_entity.pdbx_description
1 polymer 'Receptor-interacting serine/threonine-protein kinase 2'
2 non-polymer 6-(tert-butylsulfonyl)-N-(5-fluoro-2H-indazol-3-yl)quinolin-4-amine
3 water water
#
_entity_poly.entity_id   1
_entity_poly.type   'polypeptide(L)'
_entity_poly.pdbx_seq_one_letter_code
;MDYKDDDDKENLYFQGMNGEAICSALPTIPYHKLADLRYLSRGASGTVSSARHADWRVQVAVKHLHIHTPLLDSERKDVL
REAEILHKARFSYILPILGICNEPEFLGIVTEYMPNGSLNELLHRKTEYPDVAWPLRFRILHEIALGVNYLHNMTPPLLH
HDLKTQNILLDNEFHVKIADFGLSKWRMMSLSQSRSSKSAPEGGTIIYMPPENYEPGQKSRASIKHDIYSYAVITWEVLS
RKQPFEDVTNPLQIMYSVSQGHRPVINEESLPYDIPHRARMISLIESGWAQNPDERPSFLKCLIELEPVLRTFEEITFLE
AVIQLK
;
_entity_poly.pdbx_strand_id   A,B
#
# COMPACT_ATOMS: atom_id res chain seq x y z
N ALA A 21 -4.21 6.09 -22.86
CA ALA A 21 -3.34 5.36 -23.81
C ALA A 21 -2.01 4.93 -23.16
N ILE A 22 -2.04 4.73 -21.85
CA ILE A 22 -0.83 4.39 -21.07
C ILE A 22 -0.85 2.94 -20.54
N CYS A 23 -0.01 2.08 -21.12
CA CYS A 23 0.11 0.67 -20.69
C CYS A 23 1.34 0.34 -19.83
N SER A 24 1.21 -0.72 -19.04
CA SER A 24 2.26 -1.17 -18.12
C SER A 24 2.27 -2.69 -18.07
N ALA A 25 3.45 -3.25 -18.23
CA ALA A 25 3.61 -4.69 -18.24
C ALA A 25 3.87 -5.22 -16.84
N LEU A 26 3.34 -6.42 -16.58
CA LEU A 26 3.52 -7.11 -15.30
C LEU A 26 4.88 -7.79 -15.34
N PRO A 27 5.76 -7.48 -14.38
CA PRO A 27 7.11 -8.05 -14.33
C PRO A 27 7.11 -9.57 -14.34
N THR A 28 8.12 -10.16 -14.98
CA THR A 28 8.31 -11.61 -14.97
C THR A 28 9.41 -11.89 -13.95
N ILE A 29 9.13 -12.79 -13.01
CA ILE A 29 10.09 -13.08 -11.95
C ILE A 29 10.67 -14.47 -12.19
N PRO A 30 12.00 -14.55 -12.32
CA PRO A 30 12.66 -15.84 -12.51
C PRO A 30 12.54 -16.68 -11.24
N TYR A 31 12.01 -17.88 -11.36
CA TYR A 31 11.82 -18.76 -10.20
C TYR A 31 13.03 -18.84 -9.27
N HIS A 32 14.24 -18.70 -9.82
CA HIS A 32 15.44 -18.80 -8.99
C HIS A 32 15.66 -17.59 -8.07
N LYS A 33 14.88 -16.53 -8.30
CA LYS A 33 14.94 -15.29 -7.50
C LYS A 33 14.10 -15.35 -6.21
N LEU A 34 13.25 -16.37 -6.10
CA LEU A 34 12.40 -16.60 -4.93
C LEU A 34 13.04 -17.60 -3.98
N ALA A 35 13.43 -17.13 -2.80
CA ALA A 35 14.09 -17.97 -1.79
C ALA A 35 13.16 -18.30 -0.62
N ASP A 36 13.57 -19.29 0.18
CA ASP A 36 12.83 -19.74 1.38
C ASP A 36 11.34 -20.04 1.16
N LEU A 37 11.02 -20.67 0.03
CA LEU A 37 9.64 -21.01 -0.31
C LEU A 37 9.01 -21.99 0.71
N ARG A 38 8.22 -21.45 1.65
CA ARG A 38 7.51 -22.25 2.68
C ARG A 38 6.01 -22.32 2.40
N TYR A 39 5.43 -23.49 2.65
CA TYR A 39 4.01 -23.76 2.43
C TYR A 39 3.13 -23.01 3.42
N LEU A 40 2.10 -22.34 2.91
CA LEU A 40 1.14 -21.65 3.77
C LEU A 40 -0.19 -22.39 3.81
N SER A 41 -0.80 -22.56 2.64
CA SER A 41 -2.09 -23.25 2.52
C SER A 41 -2.33 -23.71 1.08
N ARG A 42 -3.35 -24.55 0.92
CA ARG A 42 -3.79 -25.07 -0.37
C ARG A 42 -5.28 -24.81 -0.46
N GLY A 43 -5.76 -24.48 -1.65
CA GLY A 43 -7.18 -24.20 -1.87
C GLY A 43 -7.60 -24.42 -3.31
N ALA A 44 -8.88 -24.20 -3.58
CA ALA A 44 -9.49 -24.38 -4.93
C ALA A 44 -8.71 -23.79 -6.11
N SER A 45 -8.10 -22.61 -5.93
CA SER A 45 -7.33 -21.94 -6.99
C SER A 45 -5.83 -22.26 -7.00
N GLY A 46 -5.36 -22.94 -5.95
CA GLY A 46 -3.95 -23.35 -5.86
C GLY A 46 -3.35 -23.35 -4.47
N THR A 47 -2.04 -23.59 -4.40
CA THR A 47 -1.29 -23.60 -3.15
C THR A 47 -0.58 -22.26 -2.98
N VAL A 48 -0.55 -21.77 -1.75
CA VAL A 48 0.03 -20.48 -1.43
C VAL A 48 1.20 -20.69 -0.51
N SER A 49 2.33 -20.10 -0.86
CA SER A 49 3.54 -20.21 -0.08
C SER A 49 4.11 -18.80 0.15
N SER A 50 4.87 -18.66 1.22
CA SER A 50 5.56 -17.42 1.55
C SER A 50 7.00 -17.60 1.10
N ALA A 51 7.60 -16.53 0.61
CA ALA A 51 8.98 -16.56 0.14
C ALA A 51 9.61 -15.19 0.32
N ARG A 52 10.82 -15.01 -0.21
CA ARG A 52 11.47 -13.71 -0.23
C ARG A 52 12.15 -13.53 -1.58
N HIS A 53 12.08 -12.32 -2.12
CA HIS A 53 12.67 -12.04 -3.42
C HIS A 53 14.13 -11.66 -3.20
N ALA A 54 15.03 -12.45 -3.79
CA ALA A 54 16.48 -12.25 -3.60
C ALA A 54 17.01 -10.86 -3.97
N ASP A 55 16.45 -10.26 -5.02
CA ASP A 55 16.86 -8.92 -5.46
C ASP A 55 16.14 -7.73 -4.77
N TRP A 56 14.81 -7.80 -4.65
CA TRP A 56 14.04 -6.68 -4.08
C TRP A 56 14.12 -6.59 -2.56
N ARG A 57 14.48 -7.70 -1.93
CA ARG A 57 14.66 -7.83 -0.48
C ARG A 57 13.37 -7.65 0.34
N VAL A 58 12.29 -8.26 -0.14
CA VAL A 58 11.00 -8.17 0.54
C VAL A 58 10.38 -9.55 0.60
N GLN A 59 9.49 -9.75 1.58
CA GLN A 59 8.76 -10.99 1.68
C GLN A 59 7.65 -10.99 0.63
N VAL A 60 7.32 -12.14 0.06
CA VAL A 60 6.26 -12.19 -0.94
C VAL A 60 5.37 -13.39 -0.68
N ALA A 61 4.33 -13.52 -1.49
CA ALA A 61 3.45 -14.68 -1.44
C ALA A 61 3.44 -15.23 -2.85
N VAL A 62 3.44 -16.56 -2.96
CA VAL A 62 3.45 -17.23 -4.25
C VAL A 62 2.29 -18.20 -4.32
N LYS A 63 1.57 -18.19 -5.44
CA LYS A 63 0.43 -19.09 -5.65
C LYS A 63 0.66 -20.00 -6.86
N HIS A 64 0.65 -21.31 -6.61
CA HIS A 64 0.88 -22.30 -7.66
C HIS A 64 -0.04 -23.52 -7.56
N LEU A 65 -0.43 -24.07 -8.71
CA LEU A 65 -1.28 -25.27 -8.76
C LEU A 65 -0.48 -26.55 -8.54
N LEU A 71 0.59 -29.80 -15.17
CA LEU A 71 -0.13 -28.60 -15.58
C LEU A 71 -0.88 -28.82 -16.88
N LEU A 72 -2.22 -28.80 -16.81
CA LEU A 72 -3.09 -29.03 -17.98
C LEU A 72 -2.95 -27.94 -19.04
N ASP A 73 -3.52 -28.19 -20.23
CA ASP A 73 -3.46 -27.24 -21.34
C ASP A 73 -4.25 -25.96 -21.06
N SER A 74 -5.33 -26.09 -20.29
CA SER A 74 -6.21 -24.96 -19.93
C SER A 74 -5.96 -24.43 -18.51
N GLU A 75 -5.37 -25.25 -17.65
CA GLU A 75 -5.04 -24.86 -16.27
C GLU A 75 -4.10 -23.65 -16.26
N ARG A 76 -3.39 -23.47 -17.37
CA ARG A 76 -2.47 -22.33 -17.58
C ARG A 76 -3.24 -21.03 -17.81
N LYS A 77 -4.25 -21.08 -18.68
CA LYS A 77 -5.08 -19.91 -19.01
C LYS A 77 -5.78 -19.31 -17.78
N ASP A 78 -6.03 -20.15 -16.77
CA ASP A 78 -6.68 -19.71 -15.52
C ASP A 78 -5.71 -18.92 -14.65
N VAL A 79 -4.55 -19.51 -14.37
CA VAL A 79 -3.51 -18.86 -13.58
C VAL A 79 -3.17 -17.49 -14.20
N LEU A 80 -3.06 -17.46 -15.52
CA LEU A 80 -2.77 -16.22 -16.26
C LEU A 80 -3.90 -15.20 -16.23
N ARG A 81 -5.15 -15.69 -16.20
CA ARG A 81 -6.33 -14.82 -16.12
C ARG A 81 -6.40 -14.19 -14.72
N GLU A 82 -6.19 -15.00 -13.67
CA GLU A 82 -6.14 -14.48 -12.30
C GLU A 82 -5.10 -13.37 -12.17
N ALA A 83 -3.90 -13.62 -12.69
CA ALA A 83 -2.81 -12.64 -12.63
C ALA A 83 -3.13 -11.35 -13.39
N GLU A 84 -3.85 -11.51 -14.51
CA GLU A 84 -4.26 -10.36 -15.33
C GLU A 84 -5.31 -9.52 -14.59
N ILE A 85 -6.17 -10.21 -13.83
CA ILE A 85 -7.21 -9.60 -13.04
C ILE A 85 -6.62 -8.77 -11.89
N LEU A 86 -5.72 -9.37 -11.10
CA LEU A 86 -5.04 -8.65 -10.02
C LEU A 86 -4.30 -7.43 -10.57
N HIS A 87 -3.71 -7.58 -11.76
CA HIS A 87 -2.92 -6.50 -12.37
C HIS A 87 -3.79 -5.33 -12.85
N LYS A 88 -4.95 -5.62 -13.43
CA LYS A 88 -5.88 -4.58 -13.90
C LYS A 88 -6.65 -3.93 -12.74
N ALA A 89 -6.91 -4.70 -11.69
CA ALA A 89 -7.71 -4.20 -10.57
C ALA A 89 -6.87 -3.55 -9.46
N ARG A 90 -5.70 -3.00 -9.80
CA ARG A 90 -4.83 -2.35 -8.83
C ARG A 90 -5.50 -1.20 -8.11
N PHE A 91 -5.54 -1.30 -6.78
CA PHE A 91 -6.20 -0.31 -5.95
C PHE A 91 -5.78 -0.51 -4.50
N SER A 92 -6.03 0.50 -3.68
CA SER A 92 -5.58 0.51 -2.29
C SER A 92 -6.08 -0.65 -1.44
N TYR A 93 -7.20 -1.25 -1.84
CA TYR A 93 -7.83 -2.30 -1.03
C TYR A 93 -7.90 -3.64 -1.73
N ILE A 94 -7.13 -3.77 -2.80
CA ILE A 94 -6.99 -5.01 -3.56
C ILE A 94 -5.59 -5.57 -3.33
N LEU A 95 -5.46 -6.89 -3.16
CA LEU A 95 -4.12 -7.50 -3.00
C LEU A 95 -3.19 -7.06 -4.15
N PRO A 96 -2.07 -6.40 -3.82
CA PRO A 96 -1.19 -5.94 -4.90
C PRO A 96 -0.35 -7.07 -5.49
N ILE A 97 -0.40 -7.22 -6.82
CA ILE A 97 0.41 -8.23 -7.51
C ILE A 97 1.79 -7.67 -7.84
N LEU A 98 2.84 -8.43 -7.53
CA LEU A 98 4.22 -7.98 -7.77
C LEU A 98 4.80 -8.47 -9.09
N GLY A 99 4.30 -9.62 -9.56
CA GLY A 99 4.75 -10.15 -10.84
C GLY A 99 4.36 -11.59 -11.08
N ILE A 100 4.45 -12.01 -12.34
CA ILE A 100 4.16 -13.38 -12.75
C ILE A 100 5.45 -14.21 -12.86
N CYS A 101 5.44 -15.40 -12.28
CA CYS A 101 6.57 -16.31 -12.36
C CYS A 101 6.22 -17.33 -13.44
N ASN A 102 6.66 -17.07 -14.68
CA ASN A 102 6.30 -17.91 -15.84
C ASN A 102 7.46 -18.48 -16.66
N GLU A 103 7.83 -19.71 -16.34
CA GLU A 103 8.92 -20.42 -16.99
C GLU A 103 8.43 -21.80 -17.43
N PRO A 104 9.23 -22.52 -18.25
CA PRO A 104 8.84 -23.89 -18.62
C PRO A 104 8.78 -24.81 -17.39
N GLU A 105 9.61 -24.51 -16.40
CA GLU A 105 9.66 -25.27 -15.15
C GLU A 105 8.51 -24.97 -14.18
N PHE A 106 8.39 -23.70 -13.78
CA PHE A 106 7.42 -23.27 -12.75
C PHE A 106 6.46 -22.17 -13.22
N LEU A 107 5.21 -22.27 -12.80
CA LEU A 107 4.19 -21.26 -13.11
C LEU A 107 3.50 -20.80 -11.82
N GLY A 108 3.68 -19.51 -11.48
CA GLY A 108 3.09 -18.96 -10.26
C GLY A 108 2.87 -17.46 -10.26
N ILE A 109 2.00 -17.02 -9.36
CA ILE A 109 1.69 -15.60 -9.19
C ILE A 109 2.39 -15.12 -7.94
N VAL A 110 2.92 -13.89 -8.00
CA VAL A 110 3.61 -13.29 -6.86
C VAL A 110 2.97 -11.96 -6.46
N THR A 111 2.67 -11.87 -5.17
CA THR A 111 2.00 -10.71 -4.61
C THR A 111 2.67 -10.35 -3.29
N GLU A 112 2.28 -9.22 -2.73
CA GLU A 112 2.80 -8.85 -1.42
C GLU A 112 2.37 -9.91 -0.44
N TYR A 113 3.12 -10.01 0.65
CA TYR A 113 2.79 -10.96 1.67
C TYR A 113 1.96 -10.24 2.74
N MET A 114 0.81 -10.82 3.09
CA MET A 114 -0.05 -10.27 4.13
C MET A 114 0.26 -10.90 5.49
N PRO A 115 0.95 -10.16 6.37
CA PRO A 115 1.42 -10.73 7.64
C PRO A 115 0.35 -10.99 8.68
N ASN A 116 -0.87 -10.52 8.44
CA ASN A 116 -1.90 -10.67 9.47
C ASN A 116 -3.04 -11.62 9.17
N GLY A 117 -2.82 -12.42 8.13
CA GLY A 117 -3.76 -13.45 7.76
C GLY A 117 -5.04 -12.94 7.13
N SER A 118 -6.14 -13.54 7.56
CA SER A 118 -7.45 -13.25 7.01
C SER A 118 -8.41 -12.76 8.08
N LEU A 119 -9.49 -12.13 7.63
CA LEU A 119 -10.51 -11.67 8.54
C LEU A 119 -11.11 -12.85 9.33
N ASN A 120 -11.20 -14.01 8.68
CA ASN A 120 -11.73 -15.21 9.33
C ASN A 120 -10.98 -15.56 10.62
N GLU A 121 -9.64 -15.56 10.55
CA GLU A 121 -8.77 -15.83 11.69
C GLU A 121 -8.97 -14.78 12.78
N LEU A 122 -8.96 -13.51 12.37
CA LEU A 122 -9.14 -12.41 13.32
C LEU A 122 -10.48 -12.52 14.09
N LEU A 123 -11.55 -12.90 13.39
CA LEU A 123 -12.86 -12.97 14.04
C LEU A 123 -13.01 -14.19 14.92
N HIS A 124 -12.48 -15.32 14.47
CA HIS A 124 -12.71 -16.58 15.17
C HIS A 124 -11.61 -17.13 16.11
N ARG A 125 -10.38 -16.65 15.99
CA ARG A 125 -9.33 -17.05 16.93
C ARG A 125 -9.42 -16.18 18.17
N LYS A 126 -10.39 -16.50 19.03
CA LYS A 126 -10.68 -15.70 20.23
C LYS A 126 -9.71 -15.81 21.40
N THR A 127 -8.88 -16.85 21.46
CA THR A 127 -7.91 -16.89 22.56
C THR A 127 -6.75 -15.98 22.15
N GLU A 128 -6.31 -16.13 20.89
CA GLU A 128 -5.28 -15.26 20.33
C GLU A 128 -5.76 -13.80 20.27
N TYR A 129 -7.03 -13.58 19.92
CA TYR A 129 -7.59 -12.21 19.87
C TYR A 129 -8.83 -11.99 20.74
N PRO A 130 -8.65 -11.87 22.06
CA PRO A 130 -9.83 -11.69 22.91
C PRO A 130 -10.61 -10.41 22.62
N ASP A 131 -9.91 -9.31 22.32
CA ASP A 131 -10.57 -8.03 22.04
C ASP A 131 -10.26 -7.49 20.67
N VAL A 132 -11.30 -7.25 19.88
CA VAL A 132 -11.14 -6.59 18.58
C VAL A 132 -12.05 -5.36 18.68
N ALA A 133 -11.44 -4.22 19.01
CA ALA A 133 -12.18 -3.00 19.26
C ALA A 133 -13.06 -2.55 18.08
N TRP A 134 -14.19 -1.93 18.41
CA TRP A 134 -15.15 -1.48 17.39
C TRP A 134 -14.57 -0.63 16.27
N PRO A 135 -13.70 0.36 16.59
CA PRO A 135 -13.22 1.18 15.49
C PRO A 135 -12.53 0.36 14.40
N LEU A 136 -11.72 -0.63 14.79
CA LEU A 136 -11.07 -1.47 13.81
C LEU A 136 -12.08 -2.31 13.02
N ARG A 137 -13.09 -2.83 13.70
CA ARG A 137 -14.13 -3.62 13.00
C ARG A 137 -14.82 -2.78 11.92
N PHE A 138 -15.11 -1.52 12.24
CA PHE A 138 -15.76 -0.64 11.28
C PHE A 138 -14.87 -0.25 10.11
N ARG A 139 -13.59 -0.04 10.39
CA ARG A 139 -12.63 0.30 9.34
C ARG A 139 -12.52 -0.85 8.33
N ILE A 140 -12.45 -2.08 8.84
CA ILE A 140 -12.42 -3.27 8.02
C ILE A 140 -13.69 -3.35 7.14
N LEU A 141 -14.86 -3.09 7.71
CA LEU A 141 -16.10 -3.14 6.95
C LEU A 141 -16.14 -2.07 5.87
N HIS A 142 -15.62 -0.91 6.20
CA HIS A 142 -15.51 0.20 5.25
C HIS A 142 -14.58 -0.15 4.09
N GLU A 143 -13.43 -0.73 4.39
CA GLU A 143 -12.44 -1.07 3.37
C GLU A 143 -12.87 -2.19 2.44
N ILE A 144 -13.56 -3.20 3.00
CA ILE A 144 -14.10 -4.28 2.17
C ILE A 144 -15.05 -3.66 1.14
N ALA A 145 -15.87 -2.71 1.60
CA ALA A 145 -16.82 -2.08 0.72
C ALA A 145 -16.10 -1.22 -0.30
N LEU A 146 -15.07 -0.49 0.13
CA LEU A 146 -14.29 0.34 -0.81
C LEU A 146 -13.68 -0.52 -1.92
N GLY A 147 -13.13 -1.66 -1.53
CA GLY A 147 -12.52 -2.57 -2.48
C GLY A 147 -13.54 -3.09 -3.48
N VAL A 148 -14.65 -3.65 -2.98
CA VAL A 148 -15.67 -4.19 -3.87
C VAL A 148 -16.26 -3.08 -4.75
N ASN A 149 -16.48 -1.90 -4.17
CA ASN A 149 -17.01 -0.77 -4.94
C ASN A 149 -16.09 -0.42 -6.10
N TYR A 150 -14.78 -0.48 -5.85
CA TYR A 150 -13.80 -0.21 -6.88
C TYR A 150 -13.98 -1.19 -8.06
N LEU A 151 -14.01 -2.49 -7.75
CA LEU A 151 -14.24 -3.51 -8.77
C LEU A 151 -15.47 -3.18 -9.64
N HIS A 152 -16.62 -2.95 -9.00
CA HIS A 152 -17.88 -2.65 -9.69
C HIS A 152 -17.82 -1.41 -10.58
N ASN A 153 -16.89 -0.50 -10.29
CA ASN A 153 -16.76 0.74 -11.07
C ASN A 153 -15.76 0.67 -12.20
N MET A 154 -15.09 -0.47 -12.33
CA MET A 154 -14.18 -0.68 -13.46
C MET A 154 -14.99 -0.75 -14.76
N THR A 155 -14.34 -0.50 -15.89
CA THR A 155 -15.00 -0.64 -17.19
C THR A 155 -14.20 -1.65 -17.99
N PRO A 156 -14.76 -2.84 -18.24
CA PRO A 156 -16.12 -3.20 -17.80
C PRO A 156 -16.21 -3.57 -16.31
N PRO A 157 -17.43 -3.53 -15.73
CA PRO A 157 -17.59 -3.86 -14.31
C PRO A 157 -17.10 -5.27 -14.00
N LEU A 158 -16.31 -5.38 -12.93
CA LEU A 158 -15.79 -6.65 -12.48
C LEU A 158 -16.50 -7.06 -11.19
N LEU A 159 -17.10 -8.25 -11.20
CA LEU A 159 -17.86 -8.74 -10.06
C LEU A 159 -17.01 -9.76 -9.31
N HIS A 160 -17.04 -9.69 -7.98
CA HIS A 160 -16.24 -10.57 -7.14
C HIS A 160 -16.79 -12.00 -7.21
N HIS A 161 -18.03 -12.17 -6.75
CA HIS A 161 -18.76 -13.43 -6.74
C HIS A 161 -18.26 -14.54 -5.82
N ASP A 162 -17.18 -14.30 -5.07
CA ASP A 162 -16.73 -15.29 -4.10
C ASP A 162 -16.23 -14.62 -2.82
N LEU A 163 -16.91 -13.57 -2.40
CA LEU A 163 -16.50 -12.79 -1.23
C LEU A 163 -16.75 -13.57 0.06
N LYS A 164 -15.70 -13.78 0.86
CA LYS A 164 -15.84 -14.50 2.13
C LYS A 164 -14.76 -14.05 3.10
N THR A 165 -14.93 -14.33 4.38
CA THR A 165 -13.95 -13.88 5.35
C THR A 165 -12.55 -14.46 5.14
N GLN A 166 -12.48 -15.59 4.44
CA GLN A 166 -11.20 -16.28 4.20
C GLN A 166 -10.32 -15.57 3.18
N ASN A 167 -10.92 -14.85 2.23
CA ASN A 167 -10.15 -14.13 1.22
C ASN A 167 -10.07 -12.60 1.40
N ILE A 168 -10.52 -12.12 2.57
CA ILE A 168 -10.34 -10.71 2.95
C ILE A 168 -9.08 -10.71 3.79
N LEU A 169 -7.98 -10.26 3.20
CA LEU A 169 -6.71 -10.35 3.90
C LEU A 169 -6.34 -9.08 4.66
N LEU A 170 -5.42 -9.20 5.62
CA LEU A 170 -5.02 -8.09 6.47
C LEU A 170 -3.53 -7.79 6.40
N ASP A 171 -3.17 -6.55 6.06
CA ASP A 171 -1.75 -6.18 5.94
C ASP A 171 -1.12 -5.90 7.30
N ASN A 172 0.11 -5.38 7.28
CA ASN A 172 0.87 -5.13 8.51
C ASN A 172 0.20 -4.20 9.52
N GLU A 173 -0.68 -3.31 9.05
CA GLU A 173 -1.45 -2.46 9.98
C GLU A 173 -2.91 -2.80 10.04
N PHE A 174 -3.25 -4.02 9.59
CA PHE A 174 -4.63 -4.48 9.58
C PHE A 174 -5.54 -3.73 8.61
N HIS A 175 -4.97 -3.30 7.49
CA HIS A 175 -5.78 -2.74 6.43
C HIS A 175 -6.14 -3.90 5.52
N VAL A 176 -7.29 -3.78 4.87
CA VAL A 176 -7.83 -4.83 4.02
C VAL A 176 -7.24 -4.86 2.62
N LYS A 177 -6.95 -6.07 2.14
CA LYS A 177 -6.61 -6.29 0.74
C LYS A 177 -7.52 -7.42 0.32
N ILE A 178 -8.39 -7.21 -0.66
CA ILE A 178 -9.24 -8.32 -1.12
C ILE A 178 -8.56 -9.14 -2.21
N ALA A 179 -8.71 -10.46 -2.12
CA ALA A 179 -8.13 -11.38 -3.09
C ALA A 179 -9.16 -12.37 -3.65
N ASP A 180 -8.77 -13.08 -4.71
CA ASP A 180 -9.55 -14.19 -5.31
C ASP A 180 -10.89 -13.80 -5.87
N PHE A 181 -10.94 -12.68 -6.58
CA PHE A 181 -12.18 -12.16 -7.12
C PHE A 181 -12.25 -12.28 -8.64
N GLY A 182 -13.47 -12.47 -9.15
CA GLY A 182 -13.77 -12.54 -10.59
C GLY A 182 -13.27 -13.79 -11.26
N LEU A 183 -13.37 -14.93 -10.55
CA LEU A 183 -12.90 -16.21 -11.06
C LEU A 183 -13.70 -17.40 -10.55
N GLY A 204 -16.46 -24.14 -2.22
CA GLY A 204 -16.17 -24.13 -0.80
C GLY A 204 -17.41 -23.89 0.06
N THR A 205 -17.41 -22.78 0.80
CA THR A 205 -18.53 -22.44 1.70
C THR A 205 -19.65 -21.64 1.01
N ILE A 206 -20.88 -21.97 1.37
CA ILE A 206 -22.07 -21.36 0.76
C ILE A 206 -22.84 -20.38 1.66
N ILE A 207 -22.30 -20.07 2.84
CA ILE A 207 -22.97 -19.15 3.76
C ILE A 207 -23.06 -17.72 3.21
N TYR A 208 -22.18 -17.39 2.26
CA TYR A 208 -22.09 -16.06 1.69
C TYR A 208 -22.78 -15.97 0.33
N MET A 209 -23.39 -17.07 -0.08
CA MET A 209 -24.04 -17.15 -1.38
C MET A 209 -25.54 -16.85 -1.31
N PRO A 210 -26.03 -15.92 -2.16
CA PRO A 210 -27.45 -15.56 -2.16
C PRO A 210 -28.34 -16.72 -2.69
N PRO A 211 -29.59 -16.85 -2.14
CA PRO A 211 -30.51 -17.95 -2.52
C PRO A 211 -30.69 -18.13 -4.02
N GLU A 212 -30.89 -17.02 -4.74
CA GLU A 212 -31.11 -17.09 -6.19
C GLU A 212 -29.92 -17.70 -6.93
N ASN A 213 -28.83 -17.93 -6.22
CA ASN A 213 -27.63 -18.43 -6.88
C ASN A 213 -27.56 -19.96 -6.86
N TYR A 214 -28.49 -20.60 -6.14
CA TYR A 214 -28.52 -22.06 -6.10
C TYR A 214 -29.11 -22.64 -7.40
N GLU A 215 -30.44 -22.51 -7.57
CA GLU A 215 -31.16 -23.03 -8.75
C GLU A 215 -30.95 -22.19 -10.01
N SER A 220 -27.83 -15.58 -13.43
CA SER A 220 -27.23 -15.76 -12.10
C SER A 220 -25.78 -15.28 -12.07
N ARG A 221 -25.01 -15.69 -13.08
CA ARG A 221 -23.61 -15.26 -13.24
C ARG A 221 -23.56 -13.78 -13.65
N ALA A 222 -24.71 -13.28 -14.09
CA ALA A 222 -24.87 -11.89 -14.54
C ALA A 222 -25.39 -10.94 -13.43
N SER A 223 -25.70 -11.50 -12.27
CA SER A 223 -26.27 -10.73 -11.16
C SER A 223 -25.27 -9.79 -10.47
N ILE A 224 -25.66 -8.52 -10.38
CA ILE A 224 -24.83 -7.52 -9.73
C ILE A 224 -25.23 -7.33 -8.26
N LYS A 225 -26.11 -8.19 -7.76
CA LYS A 225 -26.56 -8.11 -6.36
C LYS A 225 -26.04 -9.27 -5.51
N HIS A 226 -25.07 -10.02 -6.05
CA HIS A 226 -24.48 -11.14 -5.34
C HIS A 226 -23.55 -10.59 -4.24
N ASP A 227 -22.56 -9.78 -4.64
CA ASP A 227 -21.53 -9.28 -3.70
C ASP A 227 -22.08 -8.63 -2.43
N ILE A 228 -23.11 -7.81 -2.59
CA ILE A 228 -23.72 -7.13 -1.45
C ILE A 228 -24.34 -8.14 -0.48
N TYR A 229 -24.85 -9.26 -1.01
CA TYR A 229 -25.43 -10.31 -0.17
C TYR A 229 -24.33 -10.84 0.71
N SER A 230 -23.21 -11.22 0.09
CA SER A 230 -22.04 -11.75 0.81
C SER A 230 -21.61 -10.75 1.87
N TYR A 231 -21.60 -9.48 1.47
CA TYR A 231 -21.19 -8.38 2.36
C TYR A 231 -22.07 -8.27 3.60
N ALA A 232 -23.38 -8.45 3.42
CA ALA A 232 -24.31 -8.40 4.58
C ALA A 232 -23.98 -9.48 5.59
N VAL A 233 -23.74 -10.71 5.08
CA VAL A 233 -23.37 -11.84 5.95
C VAL A 233 -22.05 -11.52 6.65
N ILE A 234 -21.06 -11.07 5.88
CA ILE A 234 -19.76 -10.72 6.46
C ILE A 234 -19.90 -9.66 7.54
N THR A 235 -20.78 -8.68 7.31
CA THR A 235 -20.99 -7.62 8.27
C THR A 235 -21.55 -8.22 9.55
N TRP A 236 -22.51 -9.12 9.40
CA TRP A 236 -23.13 -9.79 10.53
C TRP A 236 -22.05 -10.53 11.32
N GLU A 237 -21.26 -11.30 10.59
CA GLU A 237 -20.16 -12.07 11.15
C GLU A 237 -19.15 -11.16 11.90
N VAL A 238 -18.76 -10.04 11.28
CA VAL A 238 -17.82 -9.10 11.91
C VAL A 238 -18.37 -8.53 13.23
N LEU A 239 -19.65 -8.15 13.23
CA LEU A 239 -20.21 -7.52 14.42
C LEU A 239 -20.55 -8.48 15.58
N SER A 240 -20.74 -9.76 15.26
CA SER A 240 -21.09 -10.76 16.25
C SER A 240 -19.98 -11.69 16.67
N ARG A 241 -18.96 -11.86 15.81
CA ARG A 241 -17.88 -12.86 15.99
C ARG A 241 -18.41 -14.28 16.18
N LYS A 242 -19.54 -14.57 15.54
CA LYS A 242 -20.15 -15.89 15.58
C LYS A 242 -20.11 -16.49 14.20
N GLN A 243 -20.27 -17.80 14.13
CA GLN A 243 -20.30 -18.49 12.86
C GLN A 243 -21.75 -18.44 12.40
N PRO A 244 -22.00 -17.94 11.18
CA PRO A 244 -23.36 -17.88 10.60
C PRO A 244 -24.01 -19.26 10.56
N PHE A 245 -25.25 -19.36 11.08
CA PHE A 245 -25.96 -20.64 11.18
C PHE A 245 -25.09 -21.62 11.95
N GLU A 246 -24.87 -21.35 13.23
CA GLU A 246 -23.98 -22.18 14.06
C GLU A 246 -24.54 -23.55 14.44
N ASP A 247 -25.86 -23.66 14.50
CA ASP A 247 -26.52 -24.90 14.91
C ASP A 247 -26.77 -25.88 13.77
N VAL A 248 -26.22 -25.61 12.60
CA VAL A 248 -26.47 -26.46 11.44
C VAL A 248 -25.37 -27.48 11.13
N THR A 249 -25.79 -28.75 11.11
CA THR A 249 -24.90 -29.89 10.88
C THR A 249 -24.74 -30.31 9.40
N ASN A 250 -25.34 -29.57 8.47
CA ASN A 250 -25.26 -29.90 7.06
C ASN A 250 -25.40 -28.65 6.17
N PRO A 251 -24.47 -28.45 5.22
CA PRO A 251 -24.55 -27.29 4.31
C PRO A 251 -25.92 -27.17 3.63
N LEU A 252 -26.53 -28.33 3.35
CA LEU A 252 -27.83 -28.40 2.69
C LEU A 252 -28.94 -27.80 3.56
N GLN A 253 -28.83 -27.99 4.88
CA GLN A 253 -29.78 -27.40 5.82
C GLN A 253 -29.72 -25.86 5.83
N ILE A 254 -28.52 -25.32 5.58
CA ILE A 254 -28.33 -23.89 5.48
C ILE A 254 -29.01 -23.41 4.20
N MET A 255 -28.62 -24.02 3.08
CA MET A 255 -29.18 -23.69 1.77
C MET A 255 -30.70 -23.76 1.77
N TYR A 256 -31.24 -24.68 2.57
CA TYR A 256 -32.69 -24.83 2.64
C TYR A 256 -33.27 -23.65 3.39
N SER A 257 -32.80 -23.41 4.61
CA SER A 257 -33.25 -22.25 5.39
C SER A 257 -33.20 -20.94 4.60
N VAL A 258 -32.08 -20.72 3.91
CA VAL A 258 -31.86 -19.50 3.14
C VAL A 258 -32.90 -19.32 2.04
N SER A 259 -33.15 -20.37 1.26
CA SER A 259 -34.14 -20.34 0.19
C SER A 259 -35.53 -20.00 0.74
N GLN A 260 -35.76 -20.31 2.01
CA GLN A 260 -37.05 -20.01 2.68
C GLN A 260 -37.04 -18.65 3.37
N GLY A 261 -36.01 -17.84 3.10
CA GLY A 261 -35.90 -16.49 3.67
C GLY A 261 -35.31 -16.37 5.06
N HIS A 262 -34.77 -17.47 5.59
CA HIS A 262 -34.15 -17.41 6.92
C HIS A 262 -32.69 -16.94 6.85
N ARG A 263 -32.25 -16.27 7.91
CA ARG A 263 -30.93 -15.64 7.93
C ARG A 263 -30.24 -15.77 9.29
N PRO A 264 -28.91 -15.54 9.35
CA PRO A 264 -28.30 -15.57 10.68
C PRO A 264 -29.13 -14.78 11.67
N VAL A 265 -29.19 -15.28 12.89
CA VAL A 265 -30.06 -14.71 13.89
C VAL A 265 -29.67 -13.30 14.30
N ILE A 266 -30.67 -12.41 14.33
CA ILE A 266 -30.47 -11.08 14.87
C ILE A 266 -31.31 -10.94 16.12
N ASN A 267 -30.62 -10.89 17.25
CA ASN A 267 -31.23 -10.70 18.57
C ASN A 267 -30.15 -10.19 19.52
N GLU A 268 -30.49 -9.99 20.79
CA GLU A 268 -29.53 -9.42 21.75
C GLU A 268 -28.33 -10.32 22.06
N GLU A 269 -28.49 -11.62 21.84
CA GLU A 269 -27.40 -12.55 22.08
C GLU A 269 -26.38 -12.51 20.94
N SER A 270 -26.87 -12.38 19.71
CA SER A 270 -25.98 -12.36 18.55
C SER A 270 -25.38 -10.97 18.34
N LEU A 271 -26.18 -9.95 18.62
CA LEU A 271 -25.76 -8.56 18.47
C LEU A 271 -26.12 -7.72 19.70
N PRO A 272 -25.23 -7.69 20.73
CA PRO A 272 -25.49 -6.97 21.98
C PRO A 272 -25.94 -5.54 21.78
N TYR A 273 -26.80 -5.05 22.67
CA TYR A 273 -27.33 -3.69 22.55
C TYR A 273 -26.30 -2.57 22.61
N ASP A 274 -25.11 -2.86 23.11
CA ASP A 274 -24.07 -1.83 23.25
C ASP A 274 -23.19 -1.61 21.99
N ILE A 275 -23.44 -2.39 20.94
CA ILE A 275 -22.72 -2.22 19.66
C ILE A 275 -22.98 -0.83 19.10
N PRO A 276 -21.92 -0.04 18.87
CA PRO A 276 -22.11 1.31 18.32
C PRO A 276 -22.90 1.24 17.04
N HIS A 277 -23.74 2.25 16.81
CA HIS A 277 -24.57 2.36 15.60
C HIS A 277 -25.32 1.08 15.23
N ARG A 278 -25.69 0.33 16.26
CA ARG A 278 -26.36 -0.97 16.12
C ARG A 278 -27.54 -0.91 15.16
N ALA A 279 -28.48 0.00 15.40
CA ALA A 279 -29.67 0.11 14.57
C ALA A 279 -29.33 0.29 13.09
N ARG A 280 -28.45 1.24 12.79
CA ARG A 280 -28.06 1.50 11.40
C ARG A 280 -27.41 0.28 10.72
N MET A 281 -26.52 -0.41 11.44
CA MET A 281 -25.86 -1.61 10.92
C MET A 281 -26.88 -2.72 10.65
N ILE A 282 -27.82 -2.89 11.58
CA ILE A 282 -28.90 -3.89 11.42
C ILE A 282 -29.70 -3.66 10.14
N SER A 283 -30.03 -2.40 9.84
CA SER A 283 -30.76 -2.05 8.61
C SER A 283 -29.96 -2.39 7.38
N LEU A 284 -28.67 -2.05 7.44
CA LEU A 284 -27.76 -2.30 6.33
C LEU A 284 -27.67 -3.80 6.07
N ILE A 285 -27.45 -4.58 7.14
CA ILE A 285 -27.40 -6.04 7.05
C ILE A 285 -28.70 -6.58 6.45
N GLU A 286 -29.83 -6.19 7.05
CA GLU A 286 -31.14 -6.69 6.61
C GLU A 286 -31.53 -6.36 5.18
N SER A 287 -31.10 -5.20 4.69
CA SER A 287 -31.38 -4.85 3.29
C SER A 287 -30.39 -5.52 2.34
N GLY A 288 -29.16 -5.75 2.82
CA GLY A 288 -28.11 -6.39 2.04
C GLY A 288 -28.40 -7.86 1.73
N TRP A 289 -28.94 -8.60 2.71
CA TRP A 289 -29.27 -10.00 2.47
C TRP A 289 -30.75 -10.25 2.14
N ALA A 290 -31.48 -9.23 1.69
CA ALA A 290 -32.91 -9.39 1.34
C ALA A 290 -33.10 -10.48 0.29
N GLN A 291 -34.19 -11.24 0.42
CA GLN A 291 -34.52 -12.32 -0.51
C GLN A 291 -34.61 -11.81 -1.94
N ASN A 292 -35.24 -10.64 -2.07
CA ASN A 292 -35.40 -9.98 -3.35
C ASN A 292 -34.16 -9.15 -3.71
N PRO A 293 -33.38 -9.59 -4.72
CA PRO A 293 -32.16 -8.88 -5.10
C PRO A 293 -32.39 -7.38 -5.36
N ASP A 294 -33.53 -7.04 -5.96
CA ASP A 294 -33.87 -5.64 -6.27
C ASP A 294 -33.89 -4.74 -5.03
N GLU A 295 -34.14 -5.32 -3.86
CA GLU A 295 -34.21 -4.52 -2.61
C GLU A 295 -32.86 -4.34 -1.93
N ARG A 296 -31.82 -4.91 -2.54
CA ARG A 296 -30.47 -4.81 -2.02
C ARG A 296 -29.79 -3.53 -2.53
N PRO A 297 -29.06 -2.85 -1.66
CA PRO A 297 -28.39 -1.61 -2.07
C PRO A 297 -27.16 -1.85 -2.94
N SER A 298 -26.79 -0.84 -3.73
CA SER A 298 -25.52 -0.83 -4.47
C SER A 298 -24.41 -0.54 -3.45
N PHE A 299 -23.15 -0.72 -3.83
CA PHE A 299 -22.07 -0.40 -2.88
C PHE A 299 -21.94 1.10 -2.61
N LEU A 300 -22.35 1.90 -3.60
CA LEU A 300 -22.38 3.34 -3.46
C LEU A 300 -23.25 3.70 -2.26
N LYS A 301 -24.49 3.21 -2.28
CA LYS A 301 -25.44 3.44 -1.21
C LYS A 301 -24.87 2.95 0.12
N CYS A 302 -24.35 1.73 0.12
CA CYS A 302 -23.69 1.15 1.28
C CYS A 302 -22.58 2.11 1.83
N LEU A 303 -21.66 2.57 0.98
CA LEU A 303 -20.62 3.49 1.40
C LEU A 303 -21.16 4.81 1.96
N ILE A 304 -22.17 5.39 1.31
CA ILE A 304 -22.79 6.61 1.80
C ILE A 304 -23.38 6.45 3.21
N GLU A 305 -23.95 5.28 3.51
CA GLU A 305 -24.44 4.97 4.85
C GLU A 305 -23.29 4.83 5.85
N LEU A 306 -22.16 4.23 5.45
CA LEU A 306 -21.03 3.99 6.37
C LEU A 306 -20.18 5.21 6.65
N GLU A 307 -20.08 6.12 5.69
CA GLU A 307 -19.26 7.32 5.86
C GLU A 307 -19.49 8.12 7.17
N PRO A 308 -20.74 8.43 7.52
CA PRO A 308 -20.93 9.16 8.79
C PRO A 308 -20.54 8.35 10.03
N VAL A 309 -20.67 7.03 9.96
CA VAL A 309 -20.24 6.16 11.07
C VAL A 309 -18.72 6.24 11.26
N LEU A 310 -17.97 6.11 10.17
CA LEU A 310 -16.51 6.19 10.23
C LEU A 310 -15.99 7.53 10.72
N ARG A 311 -16.69 8.62 10.41
CA ARG A 311 -16.25 9.94 10.90
C ARG A 311 -16.29 10.10 12.42
N THR A 312 -17.12 9.32 13.10
CA THR A 312 -17.22 9.40 14.55
C THR A 312 -15.97 8.89 15.30
N PHE A 313 -15.05 8.24 14.59
CA PHE A 313 -13.84 7.65 15.21
C PHE A 313 -12.56 8.43 14.93
N GLU A 314 -11.90 8.87 16.00
CA GLU A 314 -10.62 9.56 15.88
C GLU A 314 -9.57 8.62 15.30
N GLU A 315 -8.67 9.15 14.50
CA GLU A 315 -7.63 8.36 13.84
C GLU A 315 -6.77 7.54 14.82
N ILE A 316 -6.59 8.05 16.04
CA ILE A 316 -5.75 7.36 17.02
C ILE A 316 -6.43 6.11 17.60
N THR A 317 -7.77 6.09 17.64
CA THR A 317 -8.48 4.90 18.11
C THR A 317 -8.19 3.67 17.24
N PHE A 318 -7.90 3.87 15.94
CA PHE A 318 -7.57 2.75 15.03
C PHE A 318 -6.23 2.16 15.39
N LEU A 319 -5.26 3.02 15.66
CA LEU A 319 -3.91 2.63 16.06
C LEU A 319 -3.91 1.90 17.40
N GLU A 320 -4.71 2.40 18.34
CA GLU A 320 -4.84 1.79 19.65
C GLU A 320 -5.50 0.42 19.58
N ALA A 321 -6.47 0.27 18.68
CA ALA A 321 -7.15 -1.00 18.50
C ALA A 321 -6.17 -2.05 18.00
N VAL A 322 -5.31 -1.64 17.06
CA VAL A 322 -4.30 -2.50 16.45
C VAL A 322 -3.21 -2.90 17.46
N ILE A 323 -2.67 -1.93 18.19
CA ILE A 323 -1.65 -2.24 19.18
C ILE A 323 -2.19 -3.19 20.28
N GLN A 324 -3.50 -3.10 20.57
CA GLN A 324 -4.12 -3.99 21.54
C GLN A 324 -4.03 -5.45 21.07
N LEU A 325 -3.98 -5.65 19.76
CA LEU A 325 -3.95 -7.00 19.16
C LEU A 325 -2.57 -7.62 19.23
N LYS A 326 -1.54 -6.79 19.31
CA LYS A 326 -0.16 -7.28 19.44
C LYS A 326 0.04 -7.72 20.89
N GLU B 20 3.90 -12.98 -24.17
CA GLU B 20 5.17 -12.46 -23.59
C GLU B 20 4.95 -11.76 -22.24
N ALA B 21 3.97 -10.85 -22.19
CA ALA B 21 3.63 -10.09 -20.96
C ALA B 21 2.16 -9.67 -20.90
N ILE B 22 1.72 -9.23 -19.72
CA ILE B 22 0.33 -8.81 -19.47
C ILE B 22 0.27 -7.28 -19.27
N CYS B 23 -0.70 -6.62 -19.89
CA CYS B 23 -0.81 -5.14 -19.82
C CYS B 23 -2.04 -4.49 -19.14
N SER B 24 -1.74 -3.59 -18.21
CA SER B 24 -2.74 -2.85 -17.45
C SER B 24 -2.76 -1.41 -17.94
N ALA B 25 -3.94 -0.92 -18.27
CA ALA B 25 -4.11 0.45 -18.71
C ALA B 25 -4.42 1.35 -17.51
N LEU B 26 -3.83 2.54 -17.49
CA LEU B 26 -4.09 3.48 -16.43
C LEU B 26 -5.48 4.08 -16.65
N PRO B 27 -6.33 4.08 -15.60
CA PRO B 27 -7.67 4.66 -15.76
C PRO B 27 -7.63 6.14 -16.08
N THR B 28 -8.61 6.58 -16.85
CA THR B 28 -8.76 8.00 -17.15
C THR B 28 -9.86 8.49 -16.22
N ILE B 29 -9.60 9.58 -15.51
CA ILE B 29 -10.52 10.09 -14.53
C ILE B 29 -11.09 11.43 -14.96
N PRO B 30 -12.42 11.50 -15.14
CA PRO B 30 -12.98 12.79 -15.50
C PRO B 30 -12.77 13.77 -14.36
N TYR B 31 -12.38 15.00 -14.72
CA TYR B 31 -12.10 16.04 -13.74
C TYR B 31 -13.28 16.29 -12.82
N HIS B 32 -14.49 16.31 -13.38
CA HIS B 32 -15.73 16.54 -12.60
C HIS B 32 -16.01 15.44 -11.56
N LYS B 33 -15.30 14.30 -11.66
CA LYS B 33 -15.40 13.22 -10.66
C LYS B 33 -14.61 13.53 -9.38
N LEU B 34 -13.87 14.65 -9.38
CA LEU B 34 -13.11 15.07 -8.20
C LEU B 34 -13.87 16.13 -7.42
N ALA B 35 -14.19 15.81 -6.18
CA ALA B 35 -14.89 16.75 -5.32
C ALA B 35 -13.95 17.26 -4.24
N ASP B 36 -14.36 18.35 -3.56
CA ASP B 36 -13.60 18.96 -2.44
C ASP B 36 -12.13 19.28 -2.76
N LEU B 37 -11.87 19.74 -3.97
CA LEU B 37 -10.52 20.03 -4.40
C LEU B 37 -9.94 21.21 -3.58
N ARG B 38 -8.90 20.93 -2.78
CA ARG B 38 -8.24 21.95 -1.94
C ARG B 38 -6.76 22.04 -2.26
N TYR B 39 -6.22 23.26 -2.22
CA TYR B 39 -4.80 23.52 -2.48
C TYR B 39 -3.88 23.02 -1.36
N LEU B 40 -2.81 22.33 -1.72
CA LEU B 40 -1.81 21.88 -0.74
C LEU B 40 -0.47 22.63 -0.91
N SER B 41 0.12 22.56 -2.11
CA SER B 41 1.39 23.21 -2.39
C SER B 41 1.68 23.36 -3.88
N ARG B 42 2.61 24.26 -4.20
CA ARG B 42 3.09 24.49 -5.58
C ARG B 42 4.56 24.06 -5.67
N GLY B 43 4.81 22.98 -6.42
CA GLY B 43 6.15 22.45 -6.58
C GLY B 43 6.67 22.68 -7.98
N ALA B 44 7.95 22.39 -8.19
CA ALA B 44 8.58 22.57 -9.50
C ALA B 44 7.69 22.08 -10.65
N SER B 45 7.28 20.81 -10.57
CA SER B 45 6.47 20.17 -11.63
C SER B 45 4.98 20.54 -11.69
N GLY B 46 4.48 21.28 -10.70
CA GLY B 46 3.07 21.70 -10.69
C GLY B 46 2.42 21.94 -9.34
N THR B 47 1.13 22.26 -9.37
CA THR B 47 0.34 22.47 -8.17
C THR B 47 -0.23 21.11 -7.71
N VAL B 48 -0.16 20.84 -6.39
CA VAL B 48 -0.70 19.60 -5.83
C VAL B 48 -1.91 19.94 -4.95
N SER B 49 -2.98 19.19 -5.13
CA SER B 49 -4.21 19.40 -4.37
C SER B 49 -4.73 18.10 -3.81
N SER B 50 -5.50 18.20 -2.72
CA SER B 50 -6.21 17.03 -2.19
C SER B 50 -7.65 17.11 -2.72
N ALA B 51 -8.32 15.97 -2.76
CA ALA B 51 -9.67 15.86 -3.27
C ALA B 51 -10.24 14.50 -2.90
N ARG B 52 -11.51 14.27 -3.23
CA ARG B 52 -12.14 12.97 -3.05
C ARG B 52 -12.77 12.55 -4.38
N HIS B 53 -12.66 11.27 -4.71
CA HIS B 53 -13.24 10.74 -5.94
C HIS B 53 -14.72 10.43 -5.67
N ALA B 54 -15.60 11.02 -6.46
CA ALA B 54 -17.07 10.89 -6.23
C ALA B 54 -17.64 9.47 -6.33
N ASP B 55 -17.01 8.64 -7.16
CA ASP B 55 -17.47 7.25 -7.36
C ASP B 55 -16.71 6.25 -6.48
N TRP B 56 -15.40 6.48 -6.30
CA TRP B 56 -14.59 5.53 -5.53
C TRP B 56 -14.67 5.76 -4.03
N ARG B 57 -15.05 6.97 -3.63
CA ARG B 57 -15.22 7.32 -2.21
C ARG B 57 -13.92 7.25 -1.39
N VAL B 58 -12.83 7.65 -1.99
CA VAL B 58 -11.54 7.72 -1.28
C VAL B 58 -10.94 9.10 -1.46
N GLN B 59 -10.08 9.49 -0.52
CA GLN B 59 -9.33 10.74 -0.70
C GLN B 59 -8.25 10.50 -1.75
N VAL B 60 -7.86 11.54 -2.46
CA VAL B 60 -6.79 11.40 -3.46
C VAL B 60 -5.95 12.67 -3.48
N ALA B 61 -4.78 12.60 -4.11
CA ALA B 61 -3.97 13.79 -4.36
C ALA B 61 -3.98 14.02 -5.87
N VAL B 62 -4.03 15.29 -6.27
CA VAL B 62 -4.07 15.64 -7.69
C VAL B 62 -2.97 16.64 -8.01
N LYS B 63 -2.16 16.31 -9.03
CA LYS B 63 -1.08 17.20 -9.47
C LYS B 63 -1.40 17.77 -10.88
N HIS B 64 -1.42 19.10 -11.00
CA HIS B 64 -1.73 19.80 -12.26
C HIS B 64 -0.80 20.98 -12.56
N LEU B 65 -0.79 21.43 -13.81
CA LEU B 65 0.05 22.57 -14.22
C LEU B 65 -0.57 23.91 -13.82
N SER B 74 3.28 23.06 -26.16
CA SER B 74 2.46 22.40 -25.16
C SER B 74 3.31 21.58 -24.20
N GLU B 75 3.38 22.02 -22.94
CA GLU B 75 4.11 21.30 -21.90
C GLU B 75 3.24 20.13 -21.41
N ARG B 76 2.78 19.33 -22.37
CA ARG B 76 1.84 18.25 -22.12
C ARG B 76 2.47 16.87 -21.87
N LYS B 77 3.39 16.42 -22.73
CA LYS B 77 3.94 15.07 -22.55
C LYS B 77 4.92 14.92 -21.37
N ASP B 78 5.03 15.97 -20.54
CA ASP B 78 5.85 15.91 -19.32
C ASP B 78 5.01 15.33 -18.20
N VAL B 79 3.75 15.80 -18.12
CA VAL B 79 2.77 15.28 -17.17
C VAL B 79 2.58 13.81 -17.54
N LEU B 80 2.33 13.54 -18.83
CA LEU B 80 2.14 12.17 -19.34
C LEU B 80 3.30 11.22 -19.03
N ARG B 81 4.53 11.73 -19.11
CA ARG B 81 5.69 10.90 -18.83
C ARG B 81 5.78 10.53 -17.33
N GLU B 82 5.58 11.51 -16.45
CA GLU B 82 5.57 11.26 -15.00
C GLU B 82 4.52 10.21 -14.64
N ALA B 83 3.36 10.29 -15.30
CA ALA B 83 2.27 9.36 -15.08
C ALA B 83 2.68 7.96 -15.50
N GLU B 84 3.29 7.88 -16.68
CA GLU B 84 3.74 6.60 -17.22
C GLU B 84 4.79 5.97 -16.33
N ILE B 85 5.71 6.79 -15.81
CA ILE B 85 6.75 6.31 -14.92
C ILE B 85 6.15 5.78 -13.62
N LEU B 86 5.28 6.57 -12.98
CA LEU B 86 4.61 6.13 -11.75
C LEU B 86 3.87 4.82 -12.02
N HIS B 87 3.20 4.74 -13.16
CA HIS B 87 2.45 3.56 -13.56
C HIS B 87 3.34 2.34 -13.74
N LYS B 88 4.52 2.52 -14.36
CA LYS B 88 5.43 1.39 -14.59
C LYS B 88 6.24 0.97 -13.36
N ALA B 89 6.61 1.92 -12.51
CA ALA B 89 7.37 1.62 -11.30
C ALA B 89 6.54 1.22 -10.06
N ARG B 90 5.33 0.69 -10.27
CA ARG B 90 4.45 0.29 -9.17
C ARG B 90 5.13 -0.68 -8.24
N PHE B 91 5.12 -0.35 -6.95
CA PHE B 91 5.78 -1.15 -5.91
C PHE B 91 5.37 -0.64 -4.52
N SER B 92 5.56 -1.50 -3.51
CA SER B 92 5.20 -1.22 -2.11
C SER B 92 5.70 0.11 -1.54
N TYR B 93 6.85 0.60 -2.01
CA TYR B 93 7.43 1.86 -1.48
C TYR B 93 7.48 3.02 -2.46
N ILE B 94 6.70 2.89 -3.54
CA ILE B 94 6.54 3.93 -4.56
C ILE B 94 5.11 4.50 -4.50
N LEU B 95 4.97 5.83 -4.56
CA LEU B 95 3.66 6.50 -4.56
C LEU B 95 2.71 5.87 -5.58
N PRO B 96 1.57 5.30 -5.12
CA PRO B 96 0.67 4.66 -6.10
C PRO B 96 -0.16 5.64 -6.90
N ILE B 97 -0.10 5.51 -8.22
CA ILE B 97 -0.89 6.35 -9.12
C ILE B 97 -2.26 5.69 -9.32
N LEU B 98 -3.33 6.46 -9.29
CA LEU B 98 -4.68 5.90 -9.45
C LEU B 98 -5.26 6.11 -10.85
N GLY B 99 -4.85 7.17 -11.51
CA GLY B 99 -5.34 7.46 -12.84
C GLY B 99 -4.80 8.78 -13.32
N ILE B 100 -5.19 9.14 -14.54
CA ILE B 100 -4.79 10.42 -15.13
C ILE B 100 -6.01 11.24 -15.57
N CYS B 101 -5.91 12.56 -15.42
CA CYS B 101 -6.90 13.51 -15.91
C CYS B 101 -6.35 14.08 -17.20
N ASN B 102 -7.03 13.79 -18.32
CA ASN B 102 -6.61 14.21 -19.65
C ASN B 102 -7.79 14.76 -20.46
N GLU B 103 -8.06 16.05 -20.28
CA GLU B 103 -9.19 16.69 -20.94
C GLU B 103 -8.77 18.00 -21.58
N PRO B 104 -9.55 18.47 -22.59
CA PRO B 104 -9.35 19.78 -23.22
C PRO B 104 -8.99 20.85 -22.19
N GLU B 105 -9.79 20.94 -21.12
CA GLU B 105 -9.58 21.94 -20.07
C GLU B 105 -8.42 21.66 -19.11
N PHE B 106 -8.37 20.43 -18.60
CA PHE B 106 -7.49 20.07 -17.49
C PHE B 106 -6.61 18.85 -17.72
N LEU B 107 -5.34 18.97 -17.32
CA LEU B 107 -4.40 17.87 -17.35
C LEU B 107 -3.78 17.71 -15.96
N GLY B 108 -3.73 16.47 -15.48
CA GLY B 108 -3.20 16.20 -14.16
C GLY B 108 -3.04 14.73 -13.86
N ILE B 109 -2.35 14.43 -12.76
CA ILE B 109 -2.13 13.05 -12.36
C ILE B 109 -2.85 12.87 -11.03
N VAL B 110 -3.41 11.68 -10.83
CA VAL B 110 -4.10 11.38 -9.58
C VAL B 110 -3.43 10.23 -8.85
N THR B 111 -3.13 10.45 -7.58
CA THR B 111 -2.50 9.40 -6.76
C THR B 111 -3.20 9.28 -5.41
N GLU B 112 -2.80 8.25 -4.63
CA GLU B 112 -3.26 8.11 -3.25
C GLU B 112 -2.79 9.34 -2.50
N TYR B 113 -3.59 9.76 -1.52
CA TYR B 113 -3.27 10.93 -0.71
C TYR B 113 -2.42 10.50 0.48
N MET B 114 -1.32 11.22 0.72
CA MET B 114 -0.42 10.91 1.84
C MET B 114 -0.76 11.81 3.00
N PRO B 115 -1.43 11.25 4.02
CA PRO B 115 -1.90 12.01 5.18
C PRO B 115 -0.81 12.58 6.07
N ASN B 116 0.40 12.03 6.00
CA ASN B 116 1.45 12.49 6.90
C ASN B 116 2.60 13.29 6.29
N GLY B 117 2.38 13.88 5.13
CA GLY B 117 3.37 14.73 4.48
C GLY B 117 4.65 14.08 4.02
N SER B 118 5.73 14.82 4.18
CA SER B 118 7.05 14.41 3.73
C SER B 118 7.99 14.17 4.91
N LEU B 119 9.05 13.43 4.62
CA LEU B 119 10.08 13.15 5.60
C LEU B 119 10.68 14.45 6.16
N ASN B 120 10.78 15.45 5.29
CA ASN B 120 11.30 16.75 5.65
C ASN B 120 10.58 17.39 6.81
N GLU B 121 9.26 17.45 6.73
CA GLU B 121 8.45 18.01 7.81
C GLU B 121 8.57 17.17 9.11
N LEU B 122 8.75 15.86 8.98
CA LEU B 122 8.90 14.99 10.15
C LEU B 122 10.19 15.31 10.87
N LEU B 123 11.29 15.39 10.13
CA LEU B 123 12.59 15.69 10.72
C LEU B 123 12.74 17.10 11.30
N HIS B 124 12.12 18.10 10.67
CA HIS B 124 12.42 19.48 11.05
C HIS B 124 11.34 20.25 11.80
N ARG B 125 10.13 19.71 11.88
CA ARG B 125 9.10 20.36 12.69
C ARG B 125 9.19 19.78 14.10
N LYS B 126 10.15 20.29 14.87
CA LYS B 126 10.45 19.76 16.22
C LYS B 126 9.41 20.10 17.28
N THR B 127 8.61 21.13 17.02
CA THR B 127 7.54 21.49 17.93
C THR B 127 6.44 20.47 17.75
N GLU B 128 5.97 20.33 16.52
CA GLU B 128 4.91 19.39 16.18
C GLU B 128 5.35 17.93 16.42
N TYR B 129 6.64 17.64 16.22
CA TYR B 129 7.17 16.29 16.46
C TYR B 129 8.34 16.27 17.45
N PRO B 130 8.05 16.41 18.76
CA PRO B 130 9.09 16.40 19.78
C PRO B 130 10.01 15.18 19.70
N ASP B 131 9.45 13.99 19.47
CA ASP B 131 10.26 12.76 19.36
C ASP B 131 10.00 12.00 18.07
N VAL B 132 11.02 11.30 17.59
CA VAL B 132 10.87 10.41 16.46
C VAL B 132 11.74 9.21 16.79
N ALA B 133 11.11 8.23 17.42
CA ALA B 133 11.79 7.03 17.89
C ALA B 133 12.67 6.36 16.85
N TRP B 134 13.84 5.92 17.30
CA TRP B 134 14.79 5.26 16.42
C TRP B 134 14.19 4.16 15.53
N PRO B 135 13.36 3.25 16.09
CA PRO B 135 12.85 2.20 15.19
C PRO B 135 12.10 2.79 14.00
N LEU B 136 11.32 3.85 14.22
CA LEU B 136 10.65 4.48 13.10
C LEU B 136 11.66 5.04 12.10
N ARG B 137 12.69 5.75 12.61
CA ARG B 137 13.75 6.30 11.73
C ARG B 137 14.39 5.24 10.90
N PHE B 138 14.67 4.09 11.50
CA PHE B 138 15.33 2.99 10.77
C PHE B 138 14.42 2.30 9.78
N ARG B 139 13.13 2.21 10.09
CA ARG B 139 12.21 1.61 9.14
C ARG B 139 12.13 2.53 7.90
N ILE B 140 12.01 3.83 8.16
CA ILE B 140 12.00 4.82 7.08
C ILE B 140 13.24 4.70 6.19
N LEU B 141 14.43 4.63 6.79
CA LEU B 141 15.67 4.45 6.02
C LEU B 141 15.61 3.16 5.24
N HIS B 142 15.18 2.09 5.89
CA HIS B 142 15.07 0.79 5.22
C HIS B 142 14.09 0.87 4.05
N GLU B 143 13.01 1.63 4.20
CA GLU B 143 12.01 1.69 3.13
C GLU B 143 12.44 2.53 1.95
N ILE B 144 13.12 3.66 2.20
CA ILE B 144 13.68 4.48 1.11
C ILE B 144 14.58 3.59 0.25
N ALA B 145 15.44 2.83 0.92
CA ALA B 145 16.34 1.87 0.27
C ALA B 145 15.63 0.81 -0.56
N LEU B 146 14.59 0.20 0.00
CA LEU B 146 13.84 -0.82 -0.75
C LEU B 146 13.23 -0.20 -1.99
N GLY B 147 12.75 1.04 -1.85
CA GLY B 147 12.15 1.76 -2.95
C GLY B 147 13.12 2.06 -4.08
N VAL B 148 14.19 2.78 -3.74
CA VAL B 148 15.20 3.12 -4.73
C VAL B 148 15.80 1.86 -5.35
N ASN B 149 16.10 0.88 -4.50
CA ASN B 149 16.65 -0.38 -4.97
C ASN B 149 15.76 -0.96 -6.03
N TYR B 150 14.44 -0.97 -5.78
CA TYR B 150 13.50 -1.51 -6.75
C TYR B 150 13.59 -0.79 -8.10
N LEU B 151 13.67 0.54 -8.09
CA LEU B 151 13.80 1.31 -9.33
C LEU B 151 15.02 0.85 -10.13
N HIS B 152 16.17 0.80 -9.45
CA HIS B 152 17.43 0.35 -10.02
C HIS B 152 17.37 -1.05 -10.62
N ASN B 153 16.49 -1.91 -10.10
CA ASN B 153 16.38 -3.29 -10.61
C ASN B 153 15.39 -3.52 -11.73
N MET B 154 14.72 -2.46 -12.17
CA MET B 154 13.79 -2.59 -13.30
C MET B 154 14.63 -2.72 -14.57
N THR B 155 13.98 -3.05 -15.66
CA THR B 155 14.69 -3.16 -16.93
C THR B 155 13.98 -2.33 -17.98
N PRO B 156 14.65 -1.26 -18.44
CA PRO B 156 15.98 -0.91 -17.97
C PRO B 156 15.97 -0.21 -16.61
N PRO B 157 17.11 -0.21 -15.90
CA PRO B 157 17.18 0.47 -14.61
C PRO B 157 16.61 1.89 -14.67
N LEU B 158 15.83 2.26 -13.66
CA LEU B 158 15.25 3.59 -13.54
C LEU B 158 15.94 4.32 -12.41
N LEU B 159 16.37 5.54 -12.69
CA LEU B 159 17.16 6.33 -11.75
C LEU B 159 16.40 7.54 -11.27
N HIS B 160 16.52 7.84 -9.99
CA HIS B 160 15.77 8.93 -9.42
C HIS B 160 16.40 10.26 -9.81
N HIS B 161 17.62 10.50 -9.33
CA HIS B 161 18.42 11.71 -9.57
C HIS B 161 17.96 12.99 -8.88
N ASP B 162 16.85 12.94 -8.16
CA ASP B 162 16.45 14.10 -7.38
C ASP B 162 15.84 13.65 -6.04
N LEU B 163 16.46 12.62 -5.47
CA LEU B 163 16.04 12.10 -4.18
C LEU B 163 16.39 13.11 -3.07
N LYS B 164 15.36 13.60 -2.38
CA LYS B 164 15.50 14.54 -1.27
C LYS B 164 14.44 14.25 -0.20
N THR B 165 14.55 14.87 0.98
CA THR B 165 13.57 14.64 2.03
C THR B 165 12.17 15.18 1.69
N GLN B 166 12.10 16.17 0.80
CA GLN B 166 10.84 16.79 0.40
C GLN B 166 9.94 15.85 -0.40
N ASN B 167 10.53 14.85 -1.06
CA ASN B 167 9.75 13.95 -1.88
C ASN B 167 9.71 12.50 -1.44
N ILE B 168 10.13 12.25 -0.19
CA ILE B 168 9.94 10.96 0.48
C ILE B 168 8.62 11.20 1.23
N LEU B 169 7.54 10.56 0.80
CA LEU B 169 6.24 10.83 1.41
C LEU B 169 5.88 9.75 2.40
N LEU B 170 5.05 10.13 3.37
CA LEU B 170 4.68 9.28 4.50
C LEU B 170 3.17 9.02 4.55
N ASP B 171 2.79 7.74 4.59
CA ASP B 171 1.37 7.35 4.57
C ASP B 171 0.72 7.37 5.96
N ASN B 172 -0.52 6.89 6.04
CA ASN B 172 -1.25 6.93 7.31
C ASN B 172 -0.54 6.31 8.53
N GLU B 173 0.31 5.31 8.28
CA GLU B 173 1.05 4.69 9.38
C GLU B 173 2.56 4.92 9.24
N PHE B 174 2.92 6.03 8.58
CA PHE B 174 4.31 6.45 8.41
C PHE B 174 5.19 5.48 7.62
N HIS B 175 4.59 4.76 6.69
CA HIS B 175 5.37 3.96 5.76
C HIS B 175 5.74 4.89 4.60
N VAL B 176 6.87 4.59 3.97
CA VAL B 176 7.43 5.41 2.91
C VAL B 176 6.86 5.14 1.53
N LYS B 177 6.62 6.23 0.80
CA LYS B 177 6.25 6.20 -0.62
C LYS B 177 7.11 7.26 -1.31
N ILE B 178 7.99 6.85 -2.21
CA ILE B 178 8.83 7.83 -2.91
C ILE B 178 8.12 8.36 -4.17
N ALA B 179 8.19 9.67 -4.33
CA ALA B 179 7.60 10.35 -5.49
C ALA B 179 8.66 11.12 -6.28
N ASP B 180 8.29 11.56 -7.48
CA ASP B 180 9.09 12.47 -8.32
C ASP B 180 10.43 11.97 -8.82
N PHE B 181 10.47 10.71 -9.26
CA PHE B 181 11.68 10.09 -9.78
C PHE B 181 11.63 9.94 -11.29
N GLY B 182 12.82 9.93 -11.91
CA GLY B 182 12.98 9.76 -13.35
C GLY B 182 12.59 10.97 -14.17
N LEU B 183 12.26 12.07 -13.50
CA LEU B 183 11.84 13.30 -14.18
C LEU B 183 12.83 14.44 -13.98
N GLU B 202 11.63 28.01 -10.55
CA GLU B 202 12.55 28.00 -9.42
C GLU B 202 13.18 26.62 -9.21
N GLY B 203 14.45 26.60 -8.83
CA GLY B 203 15.18 25.35 -8.56
C GLY B 203 15.17 25.02 -7.07
N GLY B 204 15.38 23.75 -6.75
CA GLY B 204 15.38 23.29 -5.36
C GLY B 204 16.72 23.29 -4.65
N THR B 205 16.87 22.37 -3.71
CA THR B 205 18.06 22.24 -2.87
C THR B 205 19.22 21.49 -3.55
N ILE B 206 20.45 21.79 -3.14
CA ILE B 206 21.65 21.25 -3.76
C ILE B 206 22.37 20.22 -2.88
N ILE B 207 22.06 20.27 -1.58
CA ILE B 207 22.69 19.45 -0.54
C ILE B 207 22.65 17.94 -0.77
N TYR B 208 21.78 17.46 -1.66
CA TYR B 208 21.69 16.00 -1.90
C TYR B 208 22.37 15.64 -3.19
N MET B 209 23.08 16.61 -3.77
CA MET B 209 23.72 16.37 -5.06
C MET B 209 25.23 16.10 -4.92
N PRO B 210 25.68 15.00 -5.56
CA PRO B 210 27.08 14.59 -5.62
C PRO B 210 27.86 15.57 -6.52
N PRO B 211 29.06 16.01 -6.07
CA PRO B 211 29.91 17.01 -6.74
C PRO B 211 30.03 16.85 -8.26
N GLU B 212 30.32 15.65 -8.74
CA GLU B 212 30.46 15.38 -10.17
C GLU B 212 29.26 15.80 -11.04
N ASN B 213 28.08 15.85 -10.43
CA ASN B 213 26.88 16.24 -11.14
C ASN B 213 26.69 17.77 -11.18
N TYR B 214 27.56 18.51 -10.48
CA TYR B 214 27.48 19.97 -10.46
C TYR B 214 27.52 20.61 -11.86
N GLU B 215 28.25 19.99 -12.78
CA GLU B 215 28.31 20.40 -14.17
C GLU B 215 27.91 19.17 -14.97
N PRO B 216 26.61 19.04 -15.25
CA PRO B 216 26.03 17.85 -15.90
C PRO B 216 26.46 17.57 -17.34
N GLY B 217 26.31 16.31 -17.75
CA GLY B 217 26.65 15.86 -19.10
C GLY B 217 26.11 14.46 -19.35
N GLN B 218 26.53 13.85 -20.47
CA GLN B 218 26.10 12.50 -20.81
C GLN B 218 26.70 11.48 -19.82
N LYS B 219 27.77 11.90 -19.13
CA LYS B 219 28.47 11.07 -18.16
C LYS B 219 27.72 10.97 -16.82
N SER B 220 27.34 12.11 -16.27
CA SER B 220 26.66 12.17 -14.97
C SER B 220 25.15 11.89 -15.01
N ARG B 221 24.53 12.15 -16.16
CA ARG B 221 23.09 11.88 -16.31
C ARG B 221 22.82 10.37 -16.45
N ALA B 222 23.89 9.59 -16.63
CA ALA B 222 23.79 8.12 -16.74
C ALA B 222 24.48 7.41 -15.54
N SER B 223 24.96 8.21 -14.59
CA SER B 223 25.62 7.74 -13.36
C SER B 223 24.68 6.90 -12.48
N ILE B 224 25.12 5.69 -12.12
CA ILE B 224 24.31 4.80 -11.27
C ILE B 224 24.78 4.90 -9.81
N LYS B 225 25.41 6.03 -9.47
CA LYS B 225 25.93 6.26 -8.13
C LYS B 225 25.52 7.62 -7.61
N HIS B 226 24.55 8.23 -8.29
CA HIS B 226 24.01 9.50 -7.87
C HIS B 226 23.09 9.29 -6.66
N ASP B 227 22.12 8.38 -6.78
CA ASP B 227 21.10 8.14 -5.72
C ASP B 227 21.70 7.78 -4.34
N ILE B 228 22.66 6.87 -4.33
CA ILE B 228 23.34 6.48 -3.10
C ILE B 228 23.95 7.67 -2.35
N TYR B 229 24.46 8.65 -3.10
CA TYR B 229 25.02 9.83 -2.46
C TYR B 229 23.91 10.55 -1.70
N SER B 230 22.79 10.78 -2.40
CA SER B 230 21.62 11.46 -1.81
C SER B 230 21.14 10.72 -0.59
N TYR B 231 21.06 9.39 -0.71
CA TYR B 231 20.66 8.50 0.39
C TYR B 231 21.56 8.67 1.62
N ALA B 232 22.86 8.73 1.39
CA ALA B 232 23.81 8.97 2.46
C ALA B 232 23.49 10.25 3.20
N VAL B 233 23.23 11.33 2.46
CA VAL B 233 22.93 12.61 3.12
C VAL B 233 21.63 12.50 3.90
N ILE B 234 20.63 11.88 3.27
CA ILE B 234 19.32 11.63 3.91
C ILE B 234 19.53 10.81 5.19
N THR B 235 20.31 9.72 5.08
CA THR B 235 20.65 8.89 6.26
C THR B 235 21.19 9.75 7.41
N TRP B 236 22.09 10.68 7.10
CA TRP B 236 22.68 11.60 8.10
C TRP B 236 21.63 12.55 8.66
N GLU B 237 20.75 13.03 7.79
CA GLU B 237 19.74 14.00 8.18
C GLU B 237 18.67 13.34 9.05
N VAL B 238 18.39 12.07 8.76
CA VAL B 238 17.43 11.26 9.51
C VAL B 238 17.99 10.98 10.92
N LEU B 239 19.24 10.51 10.99
CA LEU B 239 19.84 10.20 12.28
C LEU B 239 20.13 11.38 13.20
N SER B 240 20.06 12.60 12.68
CA SER B 240 20.43 13.80 13.46
C SER B 240 19.37 14.88 13.59
N ARG B 241 18.41 14.87 12.67
CA ARG B 241 17.36 15.89 12.62
C ARG B 241 17.95 17.31 12.48
N LYS B 242 19.05 17.41 11.75
CA LYS B 242 19.69 18.70 11.51
C LYS B 242 19.91 18.97 10.02
N GLN B 243 19.79 20.24 9.64
CA GLN B 243 20.03 20.66 8.26
C GLN B 243 21.49 20.42 7.89
N PRO B 244 21.75 19.73 6.77
CA PRO B 244 23.16 19.55 6.39
C PRO B 244 23.78 20.91 6.06
N PHE B 245 25.02 21.12 6.52
CA PHE B 245 25.73 22.40 6.35
C PHE B 245 24.91 23.54 6.95
N GLU B 246 24.44 23.35 8.18
CA GLU B 246 23.62 24.34 8.89
C GLU B 246 24.34 25.68 9.08
N ASP B 247 25.65 25.59 9.37
CA ASP B 247 26.50 26.76 9.58
C ASP B 247 26.52 27.64 8.33
N VAL B 248 26.88 27.04 7.21
CA VAL B 248 26.91 27.74 5.92
C VAL B 248 25.47 28.08 5.49
N THR B 249 25.19 29.36 5.29
CA THR B 249 23.86 29.78 4.81
C THR B 249 23.91 30.25 3.35
N ASN B 250 25.06 30.02 2.71
CA ASN B 250 25.26 30.35 1.31
C ASN B 250 25.37 29.09 0.45
N PRO B 251 24.30 28.74 -0.28
CA PRO B 251 24.23 27.54 -1.13
C PRO B 251 25.42 27.34 -2.06
N LEU B 252 26.00 28.43 -2.55
CA LEU B 252 27.13 28.34 -3.47
C LEU B 252 28.41 27.94 -2.73
N GLN B 253 28.54 28.48 -1.51
CA GLN B 253 29.66 28.14 -0.63
C GLN B 253 29.62 26.64 -0.34
N ILE B 254 28.41 26.13 -0.06
CA ILE B 254 28.23 24.70 0.18
C ILE B 254 28.84 23.94 -0.97
N MET B 255 28.46 24.28 -2.20
CA MET B 255 28.99 23.58 -3.40
C MET B 255 30.53 23.57 -3.48
N TYR B 256 31.17 24.64 -3.01
CA TYR B 256 32.63 24.65 -2.97
C TYR B 256 33.12 23.65 -1.92
N SER B 257 32.73 23.87 -0.67
CA SER B 257 33.09 22.96 0.44
C SER B 257 32.88 21.52 0.03
N VAL B 258 31.74 21.23 -0.61
CA VAL B 258 31.44 19.85 -1.01
C VAL B 258 32.42 19.38 -2.08
N SER B 259 32.79 20.25 -3.01
CA SER B 259 33.74 19.87 -4.07
C SER B 259 35.14 19.55 -3.51
N GLN B 260 35.47 20.19 -2.38
CA GLN B 260 36.75 19.98 -1.71
C GLN B 260 36.83 18.72 -0.83
N GLY B 261 35.70 18.03 -0.66
CA GLY B 261 35.67 16.79 0.11
C GLY B 261 34.78 16.83 1.35
N HIS B 262 34.61 18.03 1.90
CA HIS B 262 33.73 18.30 3.04
C HIS B 262 32.34 17.68 2.90
N ARG B 263 31.81 17.23 4.04
CA ARG B 263 30.49 16.63 4.11
C ARG B 263 29.85 17.15 5.39
N PRO B 264 28.62 16.72 5.71
CA PRO B 264 28.07 17.22 6.97
C PRO B 264 28.87 16.73 8.20
N VAL B 265 28.80 17.50 9.29
CA VAL B 265 29.59 17.24 10.51
C VAL B 265 29.32 15.89 11.20
N ILE B 266 30.16 14.88 10.93
CA ILE B 266 30.05 13.60 11.65
C ILE B 266 30.87 13.65 12.94
N ASN B 267 30.33 14.32 13.96
CA ASN B 267 30.98 14.40 15.25
C ASN B 267 30.05 13.80 16.32
N GLU B 268 30.36 14.03 17.59
CA GLU B 268 29.51 13.57 18.68
C GLU B 268 28.28 14.48 18.83
N GLU B 269 28.47 15.77 18.54
CA GLU B 269 27.45 16.79 18.70
C GLU B 269 26.20 16.58 17.81
N SER B 270 26.41 16.09 16.60
CA SER B 270 25.33 15.89 15.64
C SER B 270 24.79 14.46 15.71
N LEU B 271 25.70 13.52 15.91
CA LEU B 271 25.38 12.09 16.02
C LEU B 271 25.81 11.52 17.39
N PRO B 272 24.97 11.67 18.44
CA PRO B 272 25.30 11.17 19.79
C PRO B 272 25.73 9.70 19.82
N TYR B 273 26.49 9.32 20.86
CA TYR B 273 26.99 7.95 21.00
C TYR B 273 25.87 6.93 21.24
N ASP B 274 24.75 7.40 21.81
CA ASP B 274 23.59 6.56 22.12
C ASP B 274 22.78 6.05 20.90
N ILE B 275 23.03 6.59 19.72
CA ILE B 275 22.34 6.20 18.48
C ILE B 275 22.55 4.71 18.23
N PRO B 276 21.44 3.94 18.17
CA PRO B 276 21.54 2.50 17.88
C PRO B 276 22.38 2.24 16.65
N HIS B 277 23.28 1.27 16.76
CA HIS B 277 24.17 0.82 15.69
C HIS B 277 24.97 1.96 15.04
N ARG B 278 25.29 2.97 15.85
CA ARG B 278 26.03 4.16 15.40
C ARG B 278 27.17 3.84 14.46
N ALA B 279 28.14 3.08 14.95
CA ALA B 279 29.31 2.71 14.16
C ALA B 279 28.93 2.21 12.77
N ARG B 280 27.97 1.29 12.71
CA ARG B 280 27.54 0.69 11.46
C ARG B 280 26.84 1.69 10.50
N MET B 281 26.15 2.67 11.08
CA MET B 281 25.43 3.66 10.28
C MET B 281 26.40 4.70 9.72
N ILE B 282 27.30 5.18 10.59
CA ILE B 282 28.33 6.15 10.22
C ILE B 282 29.19 5.56 9.11
N SER B 283 29.44 4.27 9.18
CA SER B 283 30.17 3.59 8.12
C SER B 283 29.38 3.58 6.81
N LEU B 284 28.05 3.44 6.93
CA LEU B 284 27.18 3.38 5.76
C LEU B 284 27.12 4.73 5.04
N ILE B 285 26.90 5.78 5.84
CA ILE B 285 26.91 7.16 5.36
C ILE B 285 28.22 7.49 4.64
N GLU B 286 29.33 7.48 5.39
CA GLU B 286 30.67 7.80 4.86
C GLU B 286 30.99 7.15 3.53
N SER B 287 30.65 5.88 3.35
CA SER B 287 30.92 5.20 2.08
C SER B 287 29.91 5.58 0.99
N GLY B 288 28.74 6.06 1.42
CA GLY B 288 27.68 6.44 0.50
C GLY B 288 27.99 7.78 -0.15
N TRP B 289 28.49 8.72 0.65
CA TRP B 289 28.81 10.06 0.15
C TRP B 289 30.31 10.26 -0.17
N ALA B 290 30.99 9.17 -0.52
CA ALA B 290 32.41 9.22 -0.86
C ALA B 290 32.64 10.07 -2.11
N GLN B 291 33.62 10.97 -2.04
CA GLN B 291 34.01 11.87 -3.15
C GLN B 291 34.16 11.12 -4.47
N ASN B 292 34.60 9.87 -4.40
CA ASN B 292 34.76 9.03 -5.57
C ASN B 292 33.53 8.13 -5.78
N PRO B 293 32.88 8.23 -6.97
CA PRO B 293 31.72 7.42 -7.35
C PRO B 293 31.92 5.90 -7.30
N ASP B 294 33.08 5.42 -7.73
CA ASP B 294 33.35 3.98 -7.74
C ASP B 294 33.52 3.35 -6.35
N GLU B 295 33.73 4.18 -5.34
CA GLU B 295 33.85 3.70 -3.96
C GLU B 295 32.50 3.61 -3.25
N ARG B 296 31.44 4.01 -3.95
CA ARG B 296 30.08 4.01 -3.39
C ARG B 296 29.37 2.67 -3.60
N PRO B 297 28.68 2.17 -2.55
CA PRO B 297 27.98 0.88 -2.65
C PRO B 297 26.66 0.95 -3.39
N SER B 298 26.22 -0.20 -3.90
CA SER B 298 24.90 -0.31 -4.49
C SER B 298 23.84 -0.32 -3.36
N PHE B 299 22.56 -0.21 -3.73
CA PHE B 299 21.50 -0.25 -2.73
C PHE B 299 21.33 -1.66 -2.17
N LEU B 300 21.46 -2.68 -3.03
CA LEU B 300 21.38 -4.09 -2.63
C LEU B 300 22.38 -4.38 -1.51
N LYS B 301 23.53 -3.73 -1.60
CA LYS B 301 24.61 -3.86 -0.64
C LYS B 301 24.18 -3.24 0.69
N CYS B 302 23.58 -2.05 0.63
CA CYS B 302 23.09 -1.36 1.83
C CYS B 302 21.99 -2.12 2.53
N LEU B 303 21.10 -2.69 1.74
CA LEU B 303 20.00 -3.47 2.29
C LEU B 303 20.51 -4.63 3.14
N ILE B 304 21.41 -5.43 2.56
CA ILE B 304 22.00 -6.59 3.22
C ILE B 304 22.63 -6.26 4.59
N GLU B 305 23.14 -5.05 4.73
CA GLU B 305 23.67 -4.58 6.02
C GLU B 305 22.56 -4.10 6.93
N LEU B 306 21.57 -3.43 6.33
CA LEU B 306 20.44 -2.90 7.09
C LEU B 306 19.53 -3.99 7.68
N GLU B 307 19.33 -5.08 6.92
CA GLU B 307 18.48 -6.18 7.39
C GLU B 307 18.71 -6.60 8.86
N PRO B 308 19.95 -6.99 9.23
CA PRO B 308 20.22 -7.33 10.64
C PRO B 308 19.89 -6.21 11.62
N VAL B 309 20.15 -4.97 11.24
CA VAL B 309 19.88 -3.82 12.11
C VAL B 309 18.39 -3.74 12.44
N LEU B 310 17.55 -3.90 11.41
CA LEU B 310 16.09 -3.85 11.58
C LEU B 310 15.55 -4.96 12.47
N ARG B 311 16.10 -6.17 12.31
CA ARG B 311 15.66 -7.31 13.12
C ARG B 311 15.85 -7.10 14.63
N THR B 312 16.69 -6.15 15.03
CA THR B 312 16.94 -5.91 16.46
C THR B 312 15.83 -5.14 17.15
N PHE B 313 14.90 -4.59 16.37
CA PHE B 313 13.79 -3.83 16.92
C PHE B 313 12.56 -4.72 16.94
N GLU B 314 11.86 -4.80 18.08
CA GLU B 314 10.64 -5.60 18.11
C GLU B 314 9.52 -4.86 17.39
N GLU B 315 8.64 -5.62 16.73
CA GLU B 315 7.53 -5.04 15.97
C GLU B 315 6.79 -3.97 16.75
N ILE B 316 6.45 -4.31 18.00
CA ILE B 316 5.69 -3.43 18.87
C ILE B 316 6.22 -1.99 18.89
N THR B 317 7.55 -1.84 18.83
CA THR B 317 8.17 -0.51 18.92
C THR B 317 7.76 0.39 17.78
N PHE B 318 7.57 -0.18 16.59
CA PHE B 318 7.16 0.61 15.42
C PHE B 318 5.79 1.24 15.66
N LEU B 319 4.86 0.43 16.13
CA LEU B 319 3.52 0.91 16.47
C LEU B 319 3.56 1.94 17.58
N GLU B 320 4.44 1.72 18.56
CA GLU B 320 4.59 2.68 19.67
C GLU B 320 5.08 4.04 19.17
N ALA B 321 6.03 4.01 18.23
CA ALA B 321 6.59 5.23 17.59
C ALA B 321 5.50 6.05 16.89
N VAL B 322 4.63 5.38 16.17
CA VAL B 322 3.55 6.07 15.45
C VAL B 322 2.56 6.72 16.41
N ILE B 323 2.07 5.97 17.40
CA ILE B 323 1.15 6.52 18.41
C ILE B 323 1.76 7.77 19.10
N GLN B 324 3.07 7.72 19.37
CA GLN B 324 3.76 8.87 19.95
C GLN B 324 3.74 10.11 19.04
N LEU B 325 3.76 9.88 17.73
CA LEU B 325 3.72 10.96 16.73
C LEU B 325 2.36 11.58 16.57
N LYS B 326 1.31 10.85 16.92
CA LYS B 326 -0.03 11.43 16.88
C LYS B 326 -0.13 12.30 18.12
#